data_2ZH7
#
_entry.id   2ZH7
#
_cell.length_a   57.926
_cell.length_b   57.926
_cell.length_c   440.576
_cell.angle_alpha   90.00
_cell.angle_beta   90.00
_cell.angle_gamma   90.00
#
_symmetry.space_group_name_H-M   'P 43 21 2'
#
loop_
_entity.id
_entity.type
_entity.pdbx_description
1 polymer 'tRNA (33-MER)'
2 polymer 'CCA-adding enzyme'
3 non-polymer 'SULFATE ION'
4 water water
#
loop_
_entity_poly.entity_id
_entity_poly.type
_entity_poly.pdbx_seq_one_letter_code
_entity_poly.pdbx_strand_id
1 'polyribonucleotide' GGCCCGGGGCGGUUCGAUUCCGCCCUGGGCCAG B
2 'polypeptide(L)'
;KVEEILEKALELVIPDEEEVRKGREAEEELRRRLDELGVEYVFVGSYARNTWLKGSLEIDVFLLFPEEFSKEELRERGLE
IGKAVLDSYEIRYAEHPYVHGVVKGVEVDVVPCYKLKEPKNIKSAVDRTPFHHKWLEGRIKGKENEVRLLKGFLKANGIY
GAEYKVRGFSGYLCELLIVFYGSFLETVKNARRWTRRTVIDVAKGEVRKGEEFFVVDPVDEKRNVAANLSLDNLARFVHL
CREFMEAPSLGFFKPKHPLEIEPERLRKIVEERGTAVFAVKFRKPDIVDDNLYPQLERASRKIFEFLERENFMPLRSAFK
ASEEFCYLLFECQIKEISRVFRRMGPQFEDERNVKKFLSRNRAFRPFIENGRWWAFEMRKFTTPEEGVRSYASTHWHTLG
KNVGESIREYFEIISGEKLFKEPVTAELCEMMGVKD
;
A
#
# COMPACT_ATOMS: atom_id res chain seq x y z
N LYS B 1 -17.23 -2.06 -27.84
CA LYS B 1 -17.37 -3.37 -27.20
C LYS B 1 -15.97 -3.80 -26.74
N VAL B 2 -15.93 -4.80 -25.86
CA VAL B 2 -14.67 -5.31 -25.30
C VAL B 2 -13.38 -5.34 -26.13
N GLU B 3 -13.40 -6.13 -27.19
CA GLU B 3 -12.31 -6.21 -28.18
C GLU B 3 -11.97 -4.84 -28.73
N GLU B 4 -12.99 -4.09 -29.14
CA GLU B 4 -12.78 -2.75 -29.67
C GLU B 4 -11.89 -2.01 -28.69
N ILE B 5 -12.45 -1.71 -27.52
CA ILE B 5 -11.76 -1.00 -26.46
C ILE B 5 -10.35 -1.50 -26.11
N LEU B 6 -10.16 -2.81 -26.05
CA LEU B 6 -8.84 -3.34 -25.73
C LEU B 6 -7.87 -2.97 -26.84
N GLU B 7 -8.40 -2.89 -28.06
CA GLU B 7 -7.60 -2.55 -29.22
C GLU B 7 -7.00 -1.15 -29.18
N LYS B 8 -7.77 -0.19 -28.65
CA LYS B 8 -7.27 1.17 -28.57
C LYS B 8 -6.45 1.32 -27.29
N ALA B 9 -6.64 0.37 -26.37
CA ALA B 9 -5.93 0.39 -25.08
C ALA B 9 -4.47 0.02 -25.22
N LEU B 10 -4.19 -0.95 -26.09
CA LEU B 10 -2.81 -1.40 -26.32
C LEU B 10 -1.94 -0.18 -26.61
N GLU B 11 -2.58 0.90 -27.02
CA GLU B 11 -1.90 2.13 -27.37
C GLU B 11 -1.43 2.92 -26.15
N LEU B 12 -2.00 2.61 -24.99
CA LEU B 12 -1.64 3.30 -23.75
C LEU B 12 -0.66 2.49 -22.91
N VAL B 13 -0.68 1.17 -23.09
CA VAL B 13 0.19 0.27 -22.34
C VAL B 13 1.47 -0.16 -23.06
N ILE B 14 1.39 -0.40 -24.37
CA ILE B 14 2.58 -0.81 -25.12
C ILE B 14 3.56 0.33 -25.40
N PRO B 15 4.83 0.20 -24.99
CA PRO B 15 5.87 1.22 -25.20
C PRO B 15 6.08 1.45 -26.69
N ASP B 16 6.22 2.70 -27.12
CA ASP B 16 6.44 2.96 -28.54
C ASP B 16 7.89 2.68 -28.95
N GLU B 17 8.10 2.57 -30.27
CA GLU B 17 9.41 2.27 -30.86
C GLU B 17 10.64 3.05 -30.38
N GLU B 18 10.46 4.36 -30.18
CA GLU B 18 11.56 5.18 -29.71
C GLU B 18 11.85 4.84 -28.25
N GLU B 19 10.82 4.45 -27.50
CA GLU B 19 11.01 4.10 -26.09
C GLU B 19 11.52 2.68 -25.97
N VAL B 20 11.22 1.86 -26.98
CA VAL B 20 11.66 0.48 -27.03
C VAL B 20 13.12 0.44 -27.48
N ARG B 21 13.45 1.22 -28.49
CA ARG B 21 14.82 1.29 -29.00
C ARG B 21 15.74 1.86 -27.93
N LYS B 22 15.32 2.94 -27.30
CA LYS B 22 16.11 3.57 -26.26
C LYS B 22 16.52 2.53 -25.24
N GLY B 23 15.59 1.64 -24.93
CA GLY B 23 15.86 0.58 -23.97
C GLY B 23 16.83 -0.43 -24.51
N ARG B 24 16.70 -0.73 -25.80
CA ARG B 24 17.57 -1.68 -26.51
C ARG B 24 19.02 -1.23 -26.45
N GLU B 25 19.29 -0.04 -26.98
CA GLU B 25 20.65 0.52 -27.01
C GLU B 25 21.25 0.63 -25.60
N ALA B 26 20.38 0.68 -24.59
CA ALA B 26 20.81 0.73 -23.21
C ALA B 26 21.26 -0.69 -22.84
N GLU B 27 20.36 -1.66 -23.07
CA GLU B 27 20.65 -3.07 -22.79
C GLU B 27 21.92 -3.42 -23.53
N GLU B 28 22.03 -2.92 -24.76
CA GLU B 28 23.20 -3.14 -25.60
C GLU B 28 24.50 -2.67 -24.94
N GLU B 29 24.59 -1.36 -24.73
CA GLU B 29 25.73 -0.75 -24.03
C GLU B 29 26.07 -1.37 -22.68
N LEU B 30 25.04 -1.70 -21.91
CA LEU B 30 25.22 -2.28 -20.59
C LEU B 30 25.84 -3.67 -20.63
N ARG B 31 25.38 -4.49 -21.59
CA ARG B 31 25.89 -5.84 -21.77
C ARG B 31 27.37 -5.70 -22.12
N ARG B 32 27.68 -4.75 -22.99
CA ARG B 32 29.06 -4.52 -23.39
C ARG B 32 29.95 -4.19 -22.19
N ARG B 33 29.52 -3.21 -21.40
CA ARG B 33 30.25 -2.76 -20.23
C ARG B 33 30.51 -3.87 -19.24
N LEU B 34 29.50 -4.68 -18.98
CA LEU B 34 29.65 -5.79 -18.04
C LEU B 34 30.57 -6.86 -18.57
N ASP B 35 30.54 -7.05 -19.88
CA ASP B 35 31.36 -8.04 -20.54
C ASP B 35 32.82 -7.63 -20.59
N GLU B 36 33.05 -6.32 -20.75
CA GLU B 36 34.42 -5.86 -20.79
C GLU B 36 35.08 -6.05 -19.41
N LEU B 37 34.31 -6.51 -18.44
CA LEU B 37 34.83 -6.78 -17.11
C LEU B 37 34.47 -8.22 -16.81
N GLY B 38 33.83 -8.85 -17.80
CA GLY B 38 33.39 -10.23 -17.72
C GLY B 38 32.77 -10.63 -16.39
N VAL B 39 31.63 -10.03 -16.05
CA VAL B 39 30.98 -10.36 -14.78
C VAL B 39 29.82 -11.30 -15.05
N GLU B 40 29.58 -12.23 -14.15
CA GLU B 40 28.48 -13.15 -14.36
C GLU B 40 27.16 -12.47 -13.97
N TYR B 41 26.39 -12.07 -14.98
CA TYR B 41 25.11 -11.39 -14.75
C TYR B 41 23.92 -11.99 -15.52
N VAL B 42 22.73 -11.46 -15.24
CA VAL B 42 21.50 -11.90 -15.88
C VAL B 42 20.39 -10.85 -15.74
N PHE B 43 19.85 -10.42 -16.87
CA PHE B 43 18.76 -9.44 -16.88
C PHE B 43 17.46 -10.13 -16.48
N VAL B 44 16.73 -9.55 -15.54
CA VAL B 44 15.45 -10.10 -15.13
C VAL B 44 14.46 -8.93 -15.09
N GLY B 45 13.27 -9.15 -14.54
CA GLY B 45 12.31 -8.07 -14.46
C GLY B 45 11.57 -7.90 -15.76
N SER B 46 10.52 -7.08 -15.74
CA SER B 46 9.68 -6.83 -16.90
C SER B 46 10.41 -6.41 -18.16
N TYR B 47 11.59 -5.81 -18.02
CA TYR B 47 12.31 -5.43 -19.21
C TYR B 47 12.80 -6.69 -19.91
N ALA B 48 13.41 -7.59 -19.14
CA ALA B 48 13.93 -8.82 -19.72
C ALA B 48 12.84 -9.46 -20.56
N ARG B 49 11.68 -9.66 -19.94
CA ARG B 49 10.54 -10.28 -20.59
C ARG B 49 9.61 -9.34 -21.39
N ASN B 50 10.11 -8.18 -21.77
CA ASN B 50 9.34 -7.21 -22.55
C ASN B 50 7.90 -6.93 -22.12
N THR B 51 7.67 -6.95 -20.81
CA THR B 51 6.33 -6.83 -20.24
C THR B 51 6.17 -5.48 -19.57
N TRP B 52 7.25 -4.72 -19.50
CA TRP B 52 7.21 -3.40 -18.87
C TRP B 52 6.13 -2.53 -19.51
N LEU B 53 5.52 -1.71 -18.66
CA LEU B 53 4.46 -0.83 -19.08
C LEU B 53 5.02 0.47 -19.65
N LYS B 54 4.45 0.88 -20.79
CA LYS B 54 4.85 2.09 -21.47
C LYS B 54 5.08 3.25 -20.50
N GLY B 55 6.27 3.84 -20.56
CA GLY B 55 6.63 4.89 -19.61
C GLY B 55 7.31 4.42 -18.33
N SER B 56 7.46 3.11 -18.14
CA SER B 56 8.11 2.61 -16.93
C SER B 56 9.31 1.73 -17.25
N LEU B 57 10.08 2.14 -18.25
CA LEU B 57 11.28 1.43 -18.66
C LEU B 57 12.33 1.44 -17.57
N GLU B 58 12.80 0.26 -17.20
CA GLU B 58 13.81 0.14 -16.15
C GLU B 58 14.38 -1.23 -16.52
N ILE B 59 15.70 -1.32 -16.52
CA ILE B 59 16.43 -2.58 -16.65
C ILE B 59 16.91 -3.04 -15.29
N ASP B 60 16.73 -4.32 -15.01
CA ASP B 60 17.14 -4.86 -13.72
C ASP B 60 18.22 -5.91 -13.92
N VAL B 61 19.47 -5.53 -13.74
CA VAL B 61 20.58 -6.45 -13.92
C VAL B 61 20.98 -7.17 -12.62
N PHE B 62 21.01 -8.49 -12.66
CA PHE B 62 21.37 -9.25 -11.48
C PHE B 62 22.74 -9.91 -11.62
N LEU B 63 23.60 -9.69 -10.64
CA LEU B 63 24.93 -10.25 -10.64
C LEU B 63 24.95 -11.54 -9.83
N LEU B 64 25.25 -12.65 -10.51
CA LEU B 64 25.31 -13.96 -9.86
C LEU B 64 26.62 -14.17 -9.08
N PHE B 65 26.49 -14.57 -7.82
CA PHE B 65 27.65 -14.81 -6.95
C PHE B 65 27.69 -16.22 -6.37
N PRO B 66 28.89 -16.78 -6.22
CA PRO B 66 29.06 -18.11 -5.67
C PRO B 66 28.34 -18.25 -4.34
N GLU B 67 27.91 -19.48 -4.06
CA GLU B 67 27.19 -19.82 -2.86
C GLU B 67 27.95 -19.54 -1.55
N GLU B 68 29.28 -19.66 -1.59
CA GLU B 68 30.09 -19.48 -0.38
C GLU B 68 30.44 -18.04 -0.02
N PHE B 69 30.28 -17.14 -0.97
CA PHE B 69 30.59 -15.76 -0.69
C PHE B 69 29.84 -15.23 0.54
N SER B 70 30.56 -14.42 1.32
CA SER B 70 30.01 -13.79 2.51
C SER B 70 29.17 -12.64 1.96
N LYS B 71 27.99 -12.42 2.54
CA LYS B 71 27.10 -11.35 2.07
C LYS B 71 27.87 -10.04 1.77
N GLU B 72 28.69 -9.61 2.73
CA GLU B 72 29.51 -8.41 2.65
C GLU B 72 30.29 -8.36 1.34
N GLU B 73 30.86 -9.50 0.94
CA GLU B 73 31.61 -9.56 -0.31
C GLU B 73 30.67 -9.21 -1.46
N LEU B 74 29.43 -9.69 -1.38
CA LEU B 74 28.44 -9.40 -2.43
C LEU B 74 28.09 -7.91 -2.53
N ARG B 75 28.07 -7.20 -1.40
CA ARG B 75 27.75 -5.78 -1.42
C ARG B 75 28.96 -4.99 -1.94
N GLU B 76 30.14 -5.37 -1.46
CA GLU B 76 31.36 -4.69 -1.87
C GLU B 76 31.70 -4.89 -3.35
N ARG B 77 31.65 -6.11 -3.84
CA ARG B 77 31.94 -6.30 -5.26
C ARG B 77 30.72 -5.81 -6.04
N GLY B 78 29.56 -5.90 -5.42
CA GLY B 78 28.33 -5.44 -6.05
C GLY B 78 28.39 -3.95 -6.23
N LEU B 79 28.87 -3.25 -5.20
CA LEU B 79 29.00 -1.80 -5.29
C LEU B 79 30.06 -1.44 -6.31
N GLU B 80 31.18 -2.15 -6.23
CA GLU B 80 32.29 -1.90 -7.14
C GLU B 80 31.81 -1.99 -8.56
N ILE B 81 31.23 -3.14 -8.91
CA ILE B 81 30.75 -3.37 -10.26
C ILE B 81 29.84 -2.26 -10.75
N GLY B 82 28.75 -2.00 -10.02
CA GLY B 82 27.82 -0.96 -10.43
C GLY B 82 28.52 0.37 -10.69
N LYS B 83 29.45 0.69 -9.79
CA LYS B 83 30.22 1.92 -9.87
C LYS B 83 30.86 2.08 -11.26
N ALA B 84 31.76 1.17 -11.59
CA ALA B 84 32.47 1.19 -12.87
C ALA B 84 31.59 1.00 -14.08
N VAL B 85 30.39 0.51 -13.87
CA VAL B 85 29.52 0.22 -15.01
C VAL B 85 28.40 1.25 -15.32
N LEU B 86 28.16 2.17 -14.40
CA LEU B 86 27.11 3.16 -14.59
C LEU B 86 27.59 4.56 -14.88
N ASP B 87 26.77 5.31 -15.61
CA ASP B 87 27.05 6.69 -15.95
C ASP B 87 26.97 7.49 -14.64
N SER B 88 25.93 7.20 -13.86
CA SER B 88 25.67 7.84 -12.57
C SER B 88 25.23 6.73 -11.62
N TYR B 89 25.72 6.76 -10.40
CA TYR B 89 25.32 5.74 -9.45
C TYR B 89 24.92 6.32 -8.11
N GLU B 90 23.95 5.65 -7.48
CA GLU B 90 23.42 6.07 -6.20
C GLU B 90 22.96 4.82 -5.46
N ILE B 91 23.58 4.53 -4.32
CA ILE B 91 23.22 3.37 -3.52
C ILE B 91 21.79 3.48 -2.96
N ARG B 92 21.08 2.35 -2.99
CA ARG B 92 19.70 2.25 -2.51
C ARG B 92 19.64 1.10 -1.51
N TYR B 93 18.53 0.94 -0.80
CA TYR B 93 18.46 -0.15 0.17
C TYR B 93 17.12 -0.85 0.31
N ALA B 94 17.14 -2.17 0.10
CA ALA B 94 15.98 -3.03 0.25
C ALA B 94 16.42 -3.98 1.36
N GLU B 95 16.30 -5.30 1.16
CA GLU B 95 16.72 -6.26 2.20
C GLU B 95 18.24 -6.15 2.40
N HIS B 96 18.92 -5.80 1.31
CA HIS B 96 20.37 -5.61 1.30
C HIS B 96 20.61 -4.42 0.42
N PRO B 97 21.73 -3.71 0.62
CA PRO B 97 21.95 -2.56 -0.24
C PRO B 97 22.33 -2.93 -1.68
N TYR B 98 21.90 -2.10 -2.63
CA TYR B 98 22.19 -2.30 -4.05
C TYR B 98 22.47 -0.94 -4.72
N VAL B 99 22.84 -0.97 -6.00
CA VAL B 99 23.14 0.26 -6.71
C VAL B 99 22.13 0.55 -7.79
N HIS B 100 21.69 1.79 -7.88
CA HIS B 100 20.72 2.19 -8.91
C HIS B 100 21.36 3.26 -9.77
N GLY B 101 21.16 3.19 -11.08
CA GLY B 101 21.77 4.19 -11.94
C GLY B 101 21.16 4.45 -13.32
N VAL B 102 21.97 5.04 -14.18
CA VAL B 102 21.54 5.40 -15.53
C VAL B 102 22.59 5.02 -16.58
N VAL B 103 22.14 4.44 -17.69
CA VAL B 103 23.02 4.05 -18.78
C VAL B 103 22.34 4.38 -20.10
N LYS B 104 23.00 5.20 -20.92
CA LYS B 104 22.45 5.64 -22.19
C LYS B 104 21.02 6.12 -22.02
N GLY B 105 20.81 6.86 -20.93
CA GLY B 105 19.50 7.42 -20.65
C GLY B 105 18.45 6.65 -19.87
N VAL B 106 18.63 5.35 -19.65
CA VAL B 106 17.60 4.60 -18.94
C VAL B 106 17.98 4.19 -17.54
N GLU B 107 16.93 3.90 -16.76
CA GLU B 107 17.09 3.48 -15.38
C GLU B 107 17.64 2.08 -15.40
N VAL B 108 18.49 1.79 -14.42
CA VAL B 108 19.09 0.47 -14.28
C VAL B 108 19.24 0.16 -12.82
N ASP B 109 18.96 -1.09 -12.48
CA ASP B 109 19.09 -1.54 -11.11
C ASP B 109 20.15 -2.61 -11.10
N VAL B 110 21.08 -2.54 -10.18
CA VAL B 110 22.13 -3.53 -10.11
C VAL B 110 22.03 -4.22 -8.77
N VAL B 111 21.54 -5.44 -8.81
CA VAL B 111 21.33 -6.20 -7.60
C VAL B 111 22.21 -7.42 -7.46
N PRO B 112 22.93 -7.51 -6.35
CA PRO B 112 23.81 -8.66 -6.12
C PRO B 112 22.98 -9.83 -5.56
N CYS B 113 23.38 -11.06 -5.89
CA CYS B 113 22.67 -12.25 -5.40
C CYS B 113 23.50 -13.53 -5.59
N TYR B 114 23.03 -14.63 -5.01
CA TYR B 114 23.72 -15.91 -5.12
C TYR B 114 23.25 -16.80 -6.30
N LYS B 115 24.21 -17.27 -7.10
CA LYS B 115 23.90 -18.16 -8.21
C LYS B 115 23.61 -19.50 -7.52
N LEU B 116 22.39 -19.98 -7.65
CA LEU B 116 21.99 -21.22 -6.99
C LEU B 116 21.23 -22.22 -7.85
N LYS B 117 21.18 -23.45 -7.39
CA LYS B 117 20.45 -24.47 -8.08
C LYS B 117 19.40 -24.98 -7.10
N GLU B 118 18.13 -24.83 -7.50
CA GLU B 118 17.02 -25.23 -6.66
C GLU B 118 16.26 -24.77 -5.42
N PRO B 119 15.34 -23.80 -5.58
CA PRO B 119 14.69 -22.83 -4.69
C PRO B 119 15.19 -22.78 -3.28
N LYS B 120 15.28 -23.92 -2.59
CA LYS B 120 15.81 -23.90 -1.23
C LYS B 120 17.25 -23.36 -1.35
N ASN B 121 17.87 -23.02 -0.22
CA ASN B 121 19.24 -22.48 -0.20
C ASN B 121 19.21 -20.99 -0.49
N ILE B 122 18.01 -20.49 -0.79
CA ILE B 122 17.77 -19.06 -0.93
C ILE B 122 17.95 -18.42 0.44
N LYS B 123 18.72 -17.32 0.47
CA LYS B 123 18.98 -16.61 1.71
C LYS B 123 18.16 -15.31 1.80
N SER B 124 17.94 -14.65 0.66
CA SER B 124 17.17 -13.39 0.60
C SER B 124 16.13 -13.49 -0.51
N ALA B 125 15.17 -12.59 -0.51
CA ALA B 125 14.13 -12.61 -1.53
C ALA B 125 14.80 -12.44 -2.89
N VAL B 126 15.82 -11.59 -2.96
CA VAL B 126 16.54 -11.38 -4.21
C VAL B 126 16.94 -12.70 -4.84
N ASP B 127 17.42 -13.64 -4.01
CA ASP B 127 17.86 -14.96 -4.48
C ASP B 127 16.76 -15.79 -5.12
N ARG B 128 15.53 -15.28 -5.08
CA ARG B 128 14.40 -15.97 -5.67
C ARG B 128 14.04 -15.36 -7.03
N THR B 129 14.30 -14.08 -7.18
CA THR B 129 14.00 -13.36 -8.40
C THR B 129 14.54 -14.10 -9.61
N PRO B 130 15.77 -14.63 -9.51
CA PRO B 130 16.35 -15.36 -10.65
C PRO B 130 15.44 -16.52 -11.10
N PHE B 131 14.96 -17.30 -10.14
CA PHE B 131 14.08 -18.43 -10.46
C PHE B 131 12.82 -17.91 -11.12
N HIS B 132 12.13 -17.01 -10.43
CA HIS B 132 10.91 -16.41 -10.94
C HIS B 132 11.12 -16.00 -12.39
N HIS B 133 12.33 -15.64 -12.76
CA HIS B 133 12.51 -15.28 -14.13
C HIS B 133 12.57 -16.54 -14.95
N LYS B 134 13.42 -17.49 -14.58
CA LYS B 134 13.53 -18.74 -15.34
C LYS B 134 12.18 -19.40 -15.56
N TRP B 135 11.34 -19.36 -14.54
CA TRP B 135 10.03 -19.98 -14.61
C TRP B 135 9.12 -19.19 -15.54
N LEU B 136 9.23 -17.87 -15.46
CA LEU B 136 8.38 -16.98 -16.22
C LEU B 136 8.78 -16.74 -17.68
N GLU B 137 10.07 -16.85 -17.95
CA GLU B 137 10.57 -16.56 -19.28
C GLU B 137 10.05 -17.44 -20.40
N GLY B 138 9.79 -18.70 -20.11
CA GLY B 138 9.31 -19.58 -21.16
C GLY B 138 7.81 -19.54 -21.37
N ARG B 139 7.06 -19.42 -20.28
CA ARG B 139 5.61 -19.43 -20.33
C ARG B 139 4.92 -18.13 -20.71
N ILE B 140 5.58 -17.00 -20.50
CA ILE B 140 4.96 -15.71 -20.82
C ILE B 140 5.10 -15.32 -22.29
N LYS B 141 6.12 -15.86 -22.96
CA LYS B 141 6.36 -15.55 -24.37
C LYS B 141 5.06 -15.54 -25.19
N GLY B 142 4.79 -14.43 -25.85
CA GLY B 142 3.59 -14.34 -26.67
C GLY B 142 2.35 -13.82 -25.95
N LYS B 143 2.53 -13.22 -24.78
CA LYS B 143 1.40 -12.69 -24.02
C LYS B 143 1.72 -11.35 -23.39
N GLU B 144 2.98 -10.91 -23.51
CA GLU B 144 3.41 -9.61 -22.94
C GLU B 144 2.32 -8.54 -22.96
N ASN B 145 1.74 -8.31 -24.13
CA ASN B 145 0.70 -7.30 -24.27
C ASN B 145 -0.48 -7.52 -23.31
N GLU B 146 -0.71 -8.78 -22.94
CA GLU B 146 -1.79 -9.09 -22.00
C GLU B 146 -1.32 -8.62 -20.62
N VAL B 147 -0.09 -8.99 -20.28
CA VAL B 147 0.47 -8.59 -19.00
C VAL B 147 0.35 -7.08 -18.91
N ARG B 148 0.75 -6.39 -19.98
CA ARG B 148 0.70 -4.92 -20.04
C ARG B 148 -0.72 -4.37 -19.83
N LEU B 149 -1.67 -4.77 -20.68
CA LEU B 149 -3.04 -4.30 -20.49
C LEU B 149 -3.37 -4.38 -19.01
N LEU B 150 -3.26 -5.60 -18.46
CA LEU B 150 -3.56 -5.86 -17.04
C LEU B 150 -2.80 -4.97 -16.05
N LYS B 151 -1.60 -4.52 -16.41
CA LYS B 151 -0.87 -3.67 -15.49
C LYS B 151 -1.47 -2.29 -15.61
N GLY B 152 -1.67 -1.86 -16.86
CA GLY B 152 -2.24 -0.56 -17.13
C GLY B 152 -3.58 -0.37 -16.42
N PHE B 153 -4.37 -1.43 -16.38
CA PHE B 153 -5.68 -1.45 -15.74
C PHE B 153 -5.53 -1.11 -14.24
N LEU B 154 -4.72 -1.92 -13.56
CA LEU B 154 -4.46 -1.79 -12.12
C LEU B 154 -3.82 -0.44 -11.78
N LYS B 155 -2.97 0.02 -12.67
CA LYS B 155 -2.28 1.29 -12.46
C LYS B 155 -3.33 2.37 -12.56
N ALA B 156 -3.98 2.45 -13.71
CA ALA B 156 -5.02 3.44 -13.96
C ALA B 156 -5.92 3.63 -12.74
N ASN B 157 -6.30 2.52 -12.11
CA ASN B 157 -7.15 2.60 -10.93
C ASN B 157 -6.47 2.59 -9.57
N GLY B 158 -5.21 3.03 -9.53
CA GLY B 158 -4.43 3.07 -8.29
C GLY B 158 -4.16 1.84 -7.43
N ILE B 159 -4.04 0.67 -8.05
CA ILE B 159 -3.78 -0.54 -7.28
C ILE B 159 -2.75 -1.45 -7.95
N TYR B 160 -1.78 -0.85 -8.64
CA TYR B 160 -0.74 -1.63 -9.32
C TYR B 160 0.49 -2.00 -8.47
N GLY B 161 1.09 -1.06 -7.77
CA GLY B 161 2.25 -1.41 -6.97
C GLY B 161 1.98 -2.43 -5.86
N ALA B 162 3.03 -3.07 -5.35
CA ALA B 162 2.87 -4.03 -4.25
C ALA B 162 3.53 -3.52 -2.98
N GLU B 163 4.17 -2.36 -3.09
CA GLU B 163 4.81 -1.73 -1.96
C GLU B 163 3.72 -1.31 -0.98
N TYR B 164 4.13 -0.92 0.23
CA TYR B 164 3.17 -0.53 1.25
C TYR B 164 2.35 0.73 0.99
N LYS B 165 2.65 1.46 -0.08
CA LYS B 165 1.86 2.64 -0.38
C LYS B 165 0.64 2.28 -1.23
N VAL B 166 0.72 1.17 -1.94
CA VAL B 166 -0.37 0.74 -2.79
C VAL B 166 -1.06 -0.49 -2.24
N ARG B 167 -0.28 -1.50 -1.86
CA ARG B 167 -0.83 -2.75 -1.36
C ARG B 167 -1.76 -3.29 -2.44
N GLY B 168 -1.18 -3.49 -3.62
CA GLY B 168 -1.93 -3.99 -4.75
C GLY B 168 -1.30 -5.24 -5.33
N PHE B 169 -1.22 -5.30 -6.66
CA PHE B 169 -0.68 -6.45 -7.38
C PHE B 169 0.75 -6.23 -7.85
N SER B 170 1.71 -7.01 -7.36
CA SER B 170 3.09 -6.83 -7.82
C SER B 170 3.13 -7.30 -9.27
N GLY B 171 4.07 -6.73 -10.03
CA GLY B 171 4.24 -7.09 -11.42
C GLY B 171 4.27 -8.59 -11.62
N TYR B 172 5.04 -9.29 -10.78
CA TYR B 172 5.15 -10.75 -10.86
C TYR B 172 3.75 -11.32 -10.79
N LEU B 173 3.03 -11.00 -9.73
CA LEU B 173 1.67 -11.48 -9.58
C LEU B 173 0.90 -11.27 -10.88
N CYS B 174 1.08 -10.11 -11.50
CA CYS B 174 0.39 -9.82 -12.75
C CYS B 174 0.67 -10.88 -13.81
N GLU B 175 1.94 -11.05 -14.17
CA GLU B 175 2.31 -12.05 -15.16
C GLU B 175 1.81 -13.44 -14.74
N LEU B 176 1.99 -13.79 -13.47
CA LEU B 176 1.52 -15.07 -12.98
C LEU B 176 0.06 -15.28 -13.35
N LEU B 177 -0.74 -14.21 -13.29
CA LEU B 177 -2.16 -14.30 -13.61
C LEU B 177 -2.41 -14.47 -15.10
N ILE B 178 -1.62 -13.81 -15.94
CA ILE B 178 -1.79 -13.95 -17.37
C ILE B 178 -1.43 -15.39 -17.76
N VAL B 179 -0.42 -15.95 -17.11
CA VAL B 179 -0.02 -17.32 -17.38
C VAL B 179 -1.11 -18.31 -16.99
N PHE B 180 -1.91 -17.95 -15.99
CA PHE B 180 -2.98 -18.80 -15.51
C PHE B 180 -4.26 -18.68 -16.33
N TYR B 181 -4.69 -17.45 -16.55
CA TYR B 181 -5.93 -17.19 -17.29
C TYR B 181 -5.79 -17.10 -18.79
N GLY B 182 -4.55 -16.95 -19.26
CA GLY B 182 -4.32 -16.91 -20.71
C GLY B 182 -4.35 -15.54 -21.37
N SER B 183 -5.02 -14.58 -20.75
CA SER B 183 -5.10 -13.24 -21.29
C SER B 183 -5.81 -12.29 -20.34
N PHE B 184 -5.64 -10.99 -20.57
CA PHE B 184 -6.25 -9.96 -19.76
C PHE B 184 -7.74 -10.21 -19.56
N LEU B 185 -8.46 -10.39 -20.66
CA LEU B 185 -9.89 -10.60 -20.59
C LEU B 185 -10.27 -11.81 -19.74
N GLU B 186 -9.60 -12.94 -19.94
CA GLU B 186 -9.96 -14.10 -19.13
C GLU B 186 -9.70 -13.83 -17.67
N THR B 187 -8.70 -13.01 -17.41
CA THR B 187 -8.37 -12.66 -16.03
C THR B 187 -9.53 -11.85 -15.45
N VAL B 188 -9.88 -10.77 -16.13
CA VAL B 188 -10.96 -9.89 -15.69
C VAL B 188 -12.30 -10.63 -15.60
N LYS B 189 -12.54 -11.57 -16.52
CA LYS B 189 -13.79 -12.33 -16.51
C LYS B 189 -13.88 -13.25 -15.32
N ASN B 190 -12.73 -13.74 -14.86
CA ASN B 190 -12.68 -14.65 -13.74
C ASN B 190 -12.56 -13.98 -12.39
N ALA B 191 -11.90 -12.84 -12.36
CA ALA B 191 -11.73 -12.11 -11.10
C ALA B 191 -13.09 -11.79 -10.50
N ARG B 192 -14.10 -11.70 -11.35
CA ARG B 192 -15.45 -11.37 -10.91
C ARG B 192 -16.02 -12.44 -10.00
N ARG B 193 -15.40 -13.61 -10.01
CA ARG B 193 -15.86 -14.70 -9.17
C ARG B 193 -14.87 -14.93 -8.05
N TRP B 194 -13.98 -13.96 -7.84
CA TRP B 194 -13.01 -14.07 -6.76
C TRP B 194 -13.68 -13.68 -5.43
N THR B 195 -13.24 -14.31 -4.36
CA THR B 195 -13.77 -14.04 -3.03
C THR B 195 -12.55 -13.86 -2.15
N ARG B 196 -12.74 -13.52 -0.88
CA ARG B 196 -11.59 -13.35 -0.01
C ARG B 196 -11.06 -14.72 0.42
N ARG B 197 -11.74 -15.78 0.00
CA ARG B 197 -11.30 -17.11 0.37
C ARG B 197 -10.68 -17.89 -0.77
N THR B 198 -10.52 -17.23 -1.91
CA THR B 198 -9.98 -17.85 -3.11
C THR B 198 -8.47 -18.07 -3.18
N VAL B 199 -8.08 -19.30 -3.50
CA VAL B 199 -6.66 -19.70 -3.65
C VAL B 199 -6.33 -19.99 -5.13
N ILE B 200 -5.15 -19.59 -5.57
CA ILE B 200 -4.76 -19.80 -6.96
C ILE B 200 -3.36 -20.40 -7.06
N ASP B 201 -3.31 -21.73 -7.18
CA ASP B 201 -2.06 -22.46 -7.31
C ASP B 201 -1.71 -22.64 -8.80
N VAL B 202 -1.03 -21.66 -9.37
CA VAL B 202 -0.64 -21.72 -10.78
C VAL B 202 0.02 -23.05 -11.11
N ALA B 203 0.95 -23.45 -10.26
CA ALA B 203 1.67 -24.71 -10.46
C ALA B 203 0.79 -25.94 -10.70
N LYS B 204 -0.29 -26.05 -9.93
CA LYS B 204 -1.20 -27.18 -10.08
C LYS B 204 -2.38 -26.82 -10.98
N GLY B 205 -2.25 -25.71 -11.71
CA GLY B 205 -3.28 -25.24 -12.61
C GLY B 205 -4.66 -25.35 -12.01
N GLU B 206 -4.73 -25.20 -10.68
CA GLU B 206 -5.99 -25.34 -9.97
C GLU B 206 -6.44 -24.06 -9.24
N VAL B 207 -7.68 -24.09 -8.78
CA VAL B 207 -8.26 -22.99 -8.03
C VAL B 207 -9.05 -23.63 -6.89
N ARG B 208 -8.83 -23.16 -5.67
CA ARG B 208 -9.54 -23.71 -4.55
C ARG B 208 -9.92 -22.67 -3.49
N LYS B 209 -10.55 -23.14 -2.44
CA LYS B 209 -10.97 -22.30 -1.33
C LYS B 209 -9.87 -22.43 -0.28
N GLY B 210 -9.47 -21.31 0.30
CA GLY B 210 -8.44 -21.33 1.35
C GLY B 210 -8.94 -20.56 2.56
N GLU B 211 -8.01 -20.09 3.39
CA GLU B 211 -8.40 -19.32 4.56
C GLU B 211 -8.12 -17.83 4.33
N GLU B 212 -7.73 -17.49 3.10
CA GLU B 212 -7.39 -16.11 2.70
C GLU B 212 -7.09 -16.10 1.21
N PHE B 213 -7.05 -14.94 0.57
CA PHE B 213 -6.74 -14.88 -0.85
C PHE B 213 -5.30 -15.32 -0.96
N PHE B 214 -5.02 -16.33 -1.77
CA PHE B 214 -3.66 -16.85 -1.85
C PHE B 214 -3.26 -17.30 -3.25
N VAL B 215 -2.22 -16.70 -3.80
CA VAL B 215 -1.70 -17.07 -5.13
C VAL B 215 -0.35 -17.73 -4.88
N VAL B 216 -0.30 -19.07 -4.89
CA VAL B 216 0.96 -19.75 -4.58
C VAL B 216 2.03 -19.66 -5.64
N ASP B 217 3.16 -19.17 -5.18
CA ASP B 217 4.37 -18.99 -5.97
C ASP B 217 4.70 -20.28 -6.72
N PRO B 218 4.91 -20.22 -8.04
CA PRO B 218 5.24 -21.47 -8.73
C PRO B 218 6.52 -22.05 -8.13
N VAL B 219 7.47 -21.17 -7.86
CA VAL B 219 8.77 -21.55 -7.32
C VAL B 219 8.76 -22.00 -5.86
N ASP B 220 7.79 -21.52 -5.07
CA ASP B 220 7.74 -21.86 -3.64
C ASP B 220 6.31 -22.00 -3.13
N GLU B 221 5.87 -23.25 -2.95
CA GLU B 221 4.52 -23.56 -2.50
C GLU B 221 4.03 -22.89 -1.22
N LYS B 222 4.93 -22.39 -0.40
CA LYS B 222 4.50 -21.76 0.84
C LYS B 222 4.44 -20.23 0.79
N ARG B 223 5.00 -19.65 -0.26
CA ARG B 223 5.02 -18.21 -0.40
C ARG B 223 3.78 -17.71 -1.15
N ASN B 224 3.10 -16.74 -0.57
CA ASN B 224 1.93 -16.18 -1.22
C ASN B 224 2.41 -14.97 -2.01
N VAL B 225 2.16 -14.95 -3.32
CA VAL B 225 2.62 -13.84 -4.14
C VAL B 225 1.78 -12.60 -3.91
N ALA B 226 0.50 -12.78 -3.62
CA ALA B 226 -0.39 -11.66 -3.39
C ALA B 226 -0.45 -11.33 -1.90
N ALA B 227 0.56 -11.80 -1.18
CA ALA B 227 0.60 -11.68 0.26
C ALA B 227 0.30 -10.26 0.76
N ASN B 228 0.91 -9.26 0.15
CA ASN B 228 0.70 -7.90 0.59
C ASN B 228 -0.54 -7.13 0.10
N LEU B 229 -1.47 -7.84 -0.52
CA LEU B 229 -2.59 -7.22 -1.22
C LEU B 229 -3.66 -6.96 -0.15
N SER B 230 -4.16 -5.74 -0.07
CA SER B 230 -5.15 -5.43 0.95
C SER B 230 -6.53 -5.92 0.58
N LEU B 231 -7.19 -6.53 1.54
CA LEU B 231 -8.53 -7.03 1.35
C LEU B 231 -9.43 -6.04 0.61
N ASP B 232 -9.42 -4.78 1.02
CA ASP B 232 -10.24 -3.77 0.33
C ASP B 232 -9.81 -3.66 -1.13
N ASN B 233 -8.51 -3.52 -1.37
CA ASN B 233 -8.00 -3.42 -2.73
C ASN B 233 -8.43 -4.64 -3.54
N LEU B 234 -8.37 -5.82 -2.94
CA LEU B 234 -8.79 -7.03 -3.64
C LEU B 234 -10.26 -6.89 -4.03
N ALA B 235 -11.02 -6.24 -3.17
CA ALA B 235 -12.44 -6.00 -3.43
C ALA B 235 -12.56 -5.05 -4.60
N ARG B 236 -11.99 -3.86 -4.46
CA ARG B 236 -12.06 -2.88 -5.53
C ARG B 236 -11.78 -3.49 -6.89
N PHE B 237 -10.82 -4.41 -6.96
CA PHE B 237 -10.48 -5.05 -8.23
C PHE B 237 -11.65 -5.90 -8.75
N VAL B 238 -12.16 -6.82 -7.93
CA VAL B 238 -13.27 -7.66 -8.34
C VAL B 238 -14.39 -6.76 -8.88
N HIS B 239 -14.70 -5.72 -8.11
CA HIS B 239 -15.74 -4.80 -8.49
C HIS B 239 -15.39 -4.08 -9.79
N LEU B 240 -14.11 -3.83 -10.01
CA LEU B 240 -13.69 -3.16 -11.22
C LEU B 240 -13.84 -4.07 -12.41
N CYS B 241 -13.66 -5.37 -12.20
CA CYS B 241 -13.77 -6.32 -13.29
C CYS B 241 -15.22 -6.50 -13.65
N ARG B 242 -16.10 -6.48 -12.65
CA ARG B 242 -17.54 -6.63 -12.93
C ARG B 242 -18.10 -5.43 -13.70
N GLU B 243 -17.60 -4.25 -13.40
CA GLU B 243 -18.06 -3.05 -14.08
C GLU B 243 -17.48 -2.98 -15.47
N PHE B 244 -16.23 -3.38 -15.63
CA PHE B 244 -15.63 -3.32 -16.95
C PHE B 244 -16.35 -4.27 -17.88
N MET B 245 -16.61 -5.47 -17.41
CA MET B 245 -17.29 -6.44 -18.23
C MET B 245 -18.70 -5.98 -18.61
N GLU B 246 -19.32 -5.19 -17.74
CA GLU B 246 -20.67 -4.72 -18.00
C GLU B 246 -20.73 -3.56 -19.01
N ALA B 247 -19.78 -2.64 -18.91
CA ALA B 247 -19.73 -1.51 -19.83
C ALA B 247 -18.24 -1.22 -20.13
N PRO B 248 -17.67 -1.95 -21.08
CA PRO B 248 -16.25 -1.73 -21.42
C PRO B 248 -16.05 -0.26 -21.74
N SER B 249 -14.83 0.25 -21.59
CA SER B 249 -14.54 1.65 -21.87
C SER B 249 -13.03 1.82 -21.87
N LEU B 250 -12.55 2.83 -22.57
CA LEU B 250 -11.14 3.21 -22.53
C LEU B 250 -10.80 4.02 -21.29
N GLY B 251 -11.84 4.49 -20.60
CA GLY B 251 -11.64 5.28 -19.40
C GLY B 251 -11.02 4.49 -18.25
N PHE B 252 -11.14 3.16 -18.31
CA PHE B 252 -10.59 2.28 -17.28
C PHE B 252 -9.07 2.20 -17.35
N PHE B 253 -8.49 2.66 -18.45
CA PHE B 253 -7.05 2.62 -18.61
C PHE B 253 -6.44 4.02 -18.59
N LYS B 254 -7.26 5.03 -18.34
CA LYS B 254 -6.79 6.41 -18.27
C LYS B 254 -6.87 6.82 -16.82
N PRO B 255 -5.75 7.29 -16.23
CA PRO B 255 -5.77 7.71 -14.83
C PRO B 255 -6.82 8.77 -14.59
N LYS B 256 -7.45 8.75 -13.42
CA LYS B 256 -8.50 9.70 -13.08
C LYS B 256 -7.93 11.07 -12.67
N HIS B 257 -8.42 12.13 -13.32
CA HIS B 257 -7.95 13.49 -13.02
C HIS B 257 -8.09 13.83 -11.54
N PRO B 258 -7.07 14.49 -10.96
CA PRO B 258 -7.09 14.85 -9.54
C PRO B 258 -8.45 15.42 -9.09
N LEU B 259 -9.15 16.07 -10.02
CA LEU B 259 -10.42 16.79 -9.76
C LEU B 259 -10.80 17.79 -8.66
N GLU B 260 -9.84 18.65 -8.31
CA GLU B 260 -9.77 19.42 -7.06
C GLU B 260 -10.95 20.36 -6.89
N ILE B 261 -11.38 20.48 -5.62
CA ILE B 261 -12.54 21.28 -5.24
C ILE B 261 -12.13 22.59 -4.59
N GLU B 262 -12.90 23.66 -4.81
CA GLU B 262 -12.56 24.93 -4.18
C GLU B 262 -12.88 24.78 -2.70
N PRO B 263 -11.94 25.20 -1.84
CA PRO B 263 -12.13 25.10 -0.39
C PRO B 263 -13.52 25.54 0.12
N GLU B 264 -14.11 26.55 -0.52
CA GLU B 264 -15.42 27.05 -0.11
C GLU B 264 -16.55 26.04 -0.24
N ARG B 265 -16.56 25.28 -1.33
CA ARG B 265 -17.59 24.26 -1.53
C ARG B 265 -17.38 23.20 -0.45
N LEU B 266 -16.14 22.76 -0.31
CA LEU B 266 -15.78 21.74 0.67
C LEU B 266 -16.20 22.13 2.10
N ARG B 267 -16.25 23.43 2.39
CA ARG B 267 -16.65 23.88 3.72
C ARG B 267 -18.15 23.66 3.87
N LYS B 268 -18.89 23.99 2.83
CA LYS B 268 -20.34 23.84 2.84
C LYS B 268 -20.72 22.39 3.07
N ILE B 269 -20.05 21.50 2.35
CA ILE B 269 -20.31 20.07 2.44
C ILE B 269 -20.17 19.54 3.87
N VAL B 270 -19.09 19.90 4.53
CA VAL B 270 -18.88 19.45 5.90
C VAL B 270 -19.95 20.06 6.80
N GLU B 271 -20.44 21.23 6.41
CA GLU B 271 -21.47 21.92 7.16
C GLU B 271 -22.75 21.14 6.95
N GLU B 272 -22.96 20.71 5.71
CA GLU B 272 -24.13 19.93 5.32
C GLU B 272 -24.11 18.57 6.01
N ARG B 273 -22.91 18.06 6.29
CA ARG B 273 -22.75 16.77 6.95
C ARG B 273 -22.85 16.95 8.46
N GLY B 274 -22.56 18.17 8.91
CA GLY B 274 -22.64 18.50 10.32
C GLY B 274 -21.79 17.63 11.21
N THR B 275 -20.66 17.16 10.69
CA THR B 275 -19.76 16.30 11.45
C THR B 275 -18.56 17.08 11.96
N ALA B 276 -17.70 16.39 12.69
CA ALA B 276 -16.49 17.01 13.20
C ALA B 276 -15.43 16.51 12.25
N VAL B 277 -14.72 17.43 11.61
CA VAL B 277 -13.66 17.09 10.67
C VAL B 277 -12.41 17.84 11.04
N PHE B 278 -11.43 17.09 11.49
CA PHE B 278 -10.17 17.69 11.92
C PHE B 278 -9.01 16.79 11.50
N ALA B 279 -7.79 17.32 11.55
CA ALA B 279 -6.65 16.51 11.18
C ALA B 279 -5.59 16.67 12.24
N VAL B 280 -4.65 15.74 12.27
CA VAL B 280 -3.54 15.77 13.22
C VAL B 280 -2.31 15.99 12.38
N LYS B 281 -1.72 17.17 12.47
CA LYS B 281 -0.52 17.51 11.70
C LYS B 281 0.79 17.32 12.50
N PHE B 282 1.80 16.79 11.84
CA PHE B 282 3.10 16.58 12.48
C PHE B 282 4.16 16.46 11.40
N ARG B 283 5.43 16.64 11.76
CA ARG B 283 6.49 16.59 10.76
C ARG B 283 6.81 15.19 10.24
N LYS B 284 6.91 15.08 8.92
CA LYS B 284 7.19 13.80 8.28
C LYS B 284 8.51 13.21 8.71
N PRO B 285 8.50 11.98 9.24
CA PRO B 285 9.79 11.42 9.63
C PRO B 285 10.54 11.23 8.32
N ASP B 286 11.80 11.63 8.29
CA ASP B 286 12.60 11.45 7.09
C ASP B 286 12.94 9.95 6.96
N ILE B 287 12.01 9.17 6.40
CA ILE B 287 12.20 7.75 6.21
C ILE B 287 11.57 7.33 4.90
N VAL B 288 11.81 6.09 4.51
CA VAL B 288 11.27 5.55 3.26
C VAL B 288 9.81 5.14 3.37
N ASP B 289 9.08 5.43 2.31
CA ASP B 289 7.65 5.13 2.22
C ASP B 289 7.24 3.75 2.77
N ASP B 290 8.08 2.74 2.59
CA ASP B 290 7.76 1.40 3.09
C ASP B 290 7.71 1.32 4.62
N ASN B 291 8.22 2.35 5.29
CA ASN B 291 8.19 2.36 6.75
C ASN B 291 7.26 3.44 7.24
N LEU B 292 7.15 4.52 6.47
CA LEU B 292 6.30 5.64 6.82
C LEU B 292 4.83 5.27 6.83
N TYR B 293 4.36 4.68 5.73
CA TYR B 293 2.96 4.32 5.61
C TYR B 293 2.45 3.26 6.59
N PRO B 294 3.16 2.12 6.73
CA PRO B 294 2.62 1.14 7.68
C PRO B 294 2.41 1.81 9.04
N GLN B 295 3.23 2.83 9.32
CA GLN B 295 3.16 3.58 10.59
C GLN B 295 1.97 4.51 10.57
N LEU B 296 1.83 5.30 9.51
CA LEU B 296 0.68 6.20 9.41
C LEU B 296 -0.62 5.44 9.62
N GLU B 297 -0.71 4.20 9.11
CA GLU B 297 -1.93 3.42 9.28
C GLU B 297 -2.10 3.14 10.74
N ARG B 298 -1.07 2.57 11.36
CA ARG B 298 -1.16 2.26 12.78
C ARG B 298 -1.66 3.51 13.50
N ALA B 299 -0.97 4.62 13.30
CA ALA B 299 -1.36 5.87 13.95
C ALA B 299 -2.84 6.17 13.72
N SER B 300 -3.21 6.32 12.46
CA SER B 300 -4.58 6.63 12.12
C SER B 300 -5.52 5.67 12.85
N ARG B 301 -5.17 4.40 12.87
CA ARG B 301 -6.00 3.39 13.50
C ARG B 301 -6.12 3.52 15.02
N LYS B 302 -5.00 3.65 15.72
CA LYS B 302 -5.03 3.75 17.19
C LYS B 302 -5.96 4.89 17.62
N ILE B 303 -5.89 5.98 16.88
CA ILE B 303 -6.68 7.17 17.13
C ILE B 303 -8.13 6.95 16.75
N PHE B 304 -8.35 6.20 15.68
CA PHE B 304 -9.72 5.92 15.23
C PHE B 304 -10.35 5.16 16.39
N GLU B 305 -9.61 4.17 16.86
CA GLU B 305 -10.06 3.33 17.93
C GLU B 305 -10.18 4.07 19.25
N PHE B 306 -9.36 5.10 19.45
CA PHE B 306 -9.49 5.85 20.70
C PHE B 306 -10.83 6.58 20.54
N LEU B 307 -11.04 7.11 19.33
CA LEU B 307 -12.27 7.82 19.03
C LEU B 307 -13.55 7.01 19.21
N GLU B 308 -13.65 5.80 18.64
CA GLU B 308 -14.91 5.08 18.84
C GLU B 308 -15.14 4.53 20.25
N ARG B 309 -14.08 4.14 20.95
CA ARG B 309 -14.34 3.65 22.30
C ARG B 309 -14.68 4.84 23.16
N GLU B 310 -14.36 6.04 22.67
CA GLU B 310 -14.64 7.23 23.42
C GLU B 310 -16.01 7.82 23.06
N ASN B 311 -16.75 7.07 22.26
CA ASN B 311 -18.10 7.46 21.81
C ASN B 311 -18.20 8.66 20.92
N PHE B 312 -17.14 8.97 20.22
CA PHE B 312 -17.20 10.10 19.33
C PHE B 312 -17.70 9.69 17.94
N MET B 313 -18.11 8.42 17.84
CA MET B 313 -18.67 7.87 16.60
C MET B 313 -17.96 8.20 15.31
N PRO B 314 -16.72 7.72 15.15
CA PRO B 314 -15.90 7.95 13.95
C PRO B 314 -16.53 7.37 12.70
N LEU B 315 -16.48 8.11 11.59
CA LEU B 315 -17.02 7.60 10.35
C LEU B 315 -16.03 7.10 9.32
N ARG B 316 -14.93 7.82 9.14
CA ARG B 316 -13.77 7.34 8.40
C ARG B 316 -12.45 8.03 8.73
N SER B 317 -11.35 7.28 8.65
CA SER B 317 -10.04 7.86 8.90
C SER B 317 -9.38 8.00 7.54
N ALA B 318 -8.24 8.66 7.52
CA ALA B 318 -7.47 8.85 6.29
C ALA B 318 -6.17 9.57 6.62
N PHE B 319 -5.15 9.41 5.78
CA PHE B 319 -3.87 10.07 6.01
C PHE B 319 -3.21 10.49 4.70
N LYS B 320 -2.30 11.46 4.80
CA LYS B 320 -1.60 11.95 3.62
C LYS B 320 -0.18 12.29 4.01
N ALA B 321 0.74 12.25 3.04
CA ALA B 321 2.13 12.54 3.32
C ALA B 321 2.64 13.70 2.47
N SER B 322 3.74 14.31 2.90
CA SER B 322 4.35 15.44 2.18
C SER B 322 5.86 15.50 2.45
N GLU B 323 6.56 16.29 1.64
CA GLU B 323 8.01 16.47 1.82
C GLU B 323 8.14 17.11 3.19
N GLU B 324 7.13 17.91 3.47
CA GLU B 324 6.98 18.70 4.68
C GLU B 324 6.31 18.22 5.98
N PHE B 325 5.08 17.70 5.85
CA PHE B 325 4.37 17.05 6.97
C PHE B 325 3.46 15.90 6.60
N CYS B 326 2.72 15.44 7.61
CA CYS B 326 1.85 14.28 7.54
C CYS B 326 0.53 14.66 8.21
N TYR B 327 -0.57 14.25 7.60
CA TYR B 327 -1.88 14.58 8.14
C TYR B 327 -2.70 13.34 8.42
N LEU B 328 -3.22 13.24 9.63
CA LEU B 328 -4.07 12.12 9.99
C LEU B 328 -5.43 12.78 10.07
N LEU B 329 -6.27 12.51 9.10
CA LEU B 329 -7.60 13.11 9.04
C LEU B 329 -8.67 12.21 9.67
N PHE B 330 -9.73 12.84 10.16
CA PHE B 330 -10.83 12.11 10.75
C PHE B 330 -12.14 12.84 10.53
N GLU B 331 -13.23 12.12 10.76
CA GLU B 331 -14.56 12.66 10.66
C GLU B 331 -15.39 11.91 11.67
N CYS B 332 -15.92 12.64 12.65
CA CYS B 332 -16.74 12.03 13.68
C CYS B 332 -18.16 12.50 13.55
N GLN B 333 -19.07 11.76 14.15
CA GLN B 333 -20.47 12.13 14.12
C GLN B 333 -20.79 12.99 15.34
N ILE B 334 -19.86 13.06 16.28
CA ILE B 334 -20.09 13.82 17.50
C ILE B 334 -19.12 14.97 17.71
N LYS B 335 -19.57 16.20 17.49
CA LYS B 335 -18.71 17.33 17.69
C LYS B 335 -18.53 17.52 19.20
N GLU B 336 -19.62 17.38 19.94
CA GLU B 336 -19.58 17.55 21.38
C GLU B 336 -20.50 16.58 22.12
N ILE B 337 -19.92 15.83 23.05
CA ILE B 337 -20.69 14.88 23.83
C ILE B 337 -20.88 15.50 25.20
N SER B 338 -21.82 14.97 25.99
CA SER B 338 -22.07 15.49 27.32
C SER B 338 -20.87 15.28 28.22
N ARG B 339 -20.87 15.97 29.35
CA ARG B 339 -19.77 15.83 30.31
C ARG B 339 -20.06 14.63 31.18
N VAL B 340 -21.30 14.49 31.65
CA VAL B 340 -21.62 13.32 32.47
C VAL B 340 -21.87 12.14 31.54
N PHE B 341 -21.60 10.95 32.06
CA PHE B 341 -21.82 9.72 31.33
C PHE B 341 -22.06 8.70 32.42
N ARG B 342 -22.65 7.56 32.07
CA ARG B 342 -22.95 6.53 33.07
C ARG B 342 -21.96 5.37 33.12
N ARG B 343 -21.60 4.95 34.34
CA ARG B 343 -20.66 3.84 34.56
C ARG B 343 -21.40 2.66 35.19
N MET B 344 -21.09 1.45 34.73
CA MET B 344 -21.76 0.26 35.26
C MET B 344 -21.13 -0.32 36.54
N GLY B 345 -21.93 -0.38 37.59
CA GLY B 345 -21.45 -0.90 38.86
C GLY B 345 -21.85 -2.36 38.99
N PRO B 346 -21.69 -2.98 40.17
CA PRO B 346 -22.04 -4.38 40.42
C PRO B 346 -23.54 -4.58 40.63
N GLN B 347 -23.96 -5.83 40.82
CA GLN B 347 -25.36 -6.13 41.04
C GLN B 347 -25.67 -5.95 42.54
N PHE B 348 -26.88 -5.50 42.87
CA PHE B 348 -27.25 -5.27 44.28
C PHE B 348 -26.89 -6.39 45.24
N GLU B 349 -27.03 -7.64 44.80
CA GLU B 349 -26.72 -8.80 45.63
C GLU B 349 -25.29 -8.81 46.20
N ASP B 350 -24.34 -8.31 45.42
CA ASP B 350 -22.95 -8.30 45.81
C ASP B 350 -22.59 -7.17 46.78
N GLU B 351 -23.06 -7.27 48.01
CA GLU B 351 -22.80 -6.27 49.02
C GLU B 351 -21.36 -5.80 49.06
N ARG B 352 -20.42 -6.74 49.05
CA ARG B 352 -19.00 -6.37 49.09
C ARG B 352 -18.67 -5.34 48.02
N ASN B 353 -18.74 -5.74 46.76
CA ASN B 353 -18.42 -4.84 45.66
C ASN B 353 -19.22 -3.55 45.62
N VAL B 354 -20.53 -3.63 45.84
CA VAL B 354 -21.37 -2.45 45.88
C VAL B 354 -20.77 -1.45 46.86
N LYS B 355 -20.51 -1.92 48.08
CA LYS B 355 -19.95 -1.10 49.14
C LYS B 355 -18.76 -0.31 48.63
N LYS B 356 -17.83 -1.00 47.96
CA LYS B 356 -16.65 -0.33 47.41
C LYS B 356 -17.06 0.61 46.27
N PHE B 357 -18.05 0.21 45.48
CA PHE B 357 -18.52 1.05 44.38
C PHE B 357 -19.08 2.35 44.93
N LEU B 358 -19.61 2.32 46.15
CA LEU B 358 -20.15 3.52 46.73
C LEU B 358 -19.12 4.27 47.60
N SER B 359 -17.96 3.66 47.82
CA SER B 359 -16.93 4.31 48.63
C SER B 359 -16.32 5.47 47.85
N ARG B 360 -16.46 5.42 46.53
CA ARG B 360 -15.94 6.46 45.64
C ARG B 360 -16.80 7.71 45.70
N ASN B 361 -16.34 8.76 46.37
CA ASN B 361 -17.15 9.97 46.41
C ASN B 361 -17.26 10.50 44.97
N ARG B 362 -18.48 10.79 44.56
CA ARG B 362 -18.73 11.30 43.22
C ARG B 362 -19.68 12.45 43.42
N ALA B 363 -19.79 13.33 42.43
CA ALA B 363 -20.63 14.51 42.56
C ALA B 363 -22.10 14.25 42.36
N PHE B 364 -22.46 13.08 41.85
CA PHE B 364 -23.87 12.84 41.59
C PHE B 364 -24.67 11.74 42.27
N ARG B 365 -24.08 10.92 43.12
CA ARG B 365 -24.91 9.92 43.80
C ARG B 365 -25.48 8.88 42.82
N PRO B 366 -24.86 7.69 42.79
CA PRO B 366 -25.24 6.56 41.94
C PRO B 366 -26.63 6.04 42.25
N PHE B 367 -27.25 5.38 41.27
CA PHE B 367 -28.62 4.85 41.39
C PHE B 367 -28.72 3.39 40.98
N ILE B 368 -29.90 2.80 41.22
CA ILE B 368 -30.16 1.41 40.84
C ILE B 368 -31.08 1.33 39.62
N GLU B 369 -30.87 0.32 38.80
CA GLU B 369 -31.65 0.13 37.58
C GLU B 369 -31.42 -1.30 37.12
N ASN B 370 -32.50 -2.02 36.91
CA ASN B 370 -32.43 -3.42 36.49
C ASN B 370 -31.55 -4.32 37.36
N GLY B 371 -31.55 -4.08 38.67
CA GLY B 371 -30.80 -4.94 39.54
C GLY B 371 -29.36 -4.57 39.87
N ARG B 372 -28.76 -3.70 39.07
CA ARG B 372 -27.41 -3.31 39.37
C ARG B 372 -27.25 -1.83 39.56
N TRP B 373 -26.17 -1.47 40.25
CA TRP B 373 -25.85 -0.09 40.54
C TRP B 373 -25.16 0.59 39.37
N TRP B 374 -25.37 1.89 39.27
CA TRP B 374 -24.78 2.70 38.21
C TRP B 374 -24.32 3.99 38.85
N ALA B 375 -23.45 4.70 38.14
CA ALA B 375 -22.94 5.98 38.63
C ALA B 375 -22.83 6.92 37.45
N PHE B 376 -22.72 8.21 37.75
CA PHE B 376 -22.58 9.25 36.73
C PHE B 376 -21.19 9.83 36.89
N GLU B 377 -20.40 9.77 35.84
CA GLU B 377 -19.05 10.31 35.90
C GLU B 377 -18.95 11.49 34.95
N MET B 378 -17.82 12.18 35.03
CA MET B 378 -17.54 13.34 34.19
C MET B 378 -16.37 13.04 33.27
N ARG B 379 -16.49 13.43 32.01
CA ARG B 379 -15.41 13.21 31.06
C ARG B 379 -14.33 14.26 31.23
N LYS B 380 -13.11 13.89 30.82
CA LYS B 380 -11.96 14.79 30.87
C LYS B 380 -11.99 15.69 29.62
N PHE B 381 -12.72 15.24 28.60
CA PHE B 381 -12.86 16.00 27.35
C PHE B 381 -14.28 15.84 26.80
N THR B 382 -14.72 16.75 25.94
CA THR B 382 -16.07 16.64 25.41
C THR B 382 -16.20 16.75 23.90
N THR B 383 -15.09 16.99 23.22
CA THR B 383 -15.13 17.09 21.77
C THR B 383 -14.12 16.10 21.21
N PRO B 384 -14.21 15.77 19.92
CA PRO B 384 -13.23 14.80 19.41
C PRO B 384 -11.83 15.39 19.55
N GLU B 385 -11.64 16.57 18.95
CA GLU B 385 -10.33 17.21 18.98
C GLU B 385 -9.71 17.32 20.37
N GLU B 386 -10.51 17.77 21.33
CA GLU B 386 -10.06 17.90 22.71
C GLU B 386 -9.46 16.55 23.16
N GLY B 387 -10.14 15.48 22.80
CA GLY B 387 -9.70 14.15 23.17
C GLY B 387 -8.46 13.67 22.44
N VAL B 388 -8.41 13.91 21.13
CA VAL B 388 -7.25 13.48 20.36
C VAL B 388 -5.97 14.19 20.85
N ARG B 389 -6.13 15.41 21.35
CA ARG B 389 -4.96 16.13 21.84
C ARG B 389 -4.52 15.49 23.13
N SER B 390 -5.44 14.79 23.75
CA SER B 390 -5.14 14.11 24.98
C SER B 390 -4.47 12.78 24.64
N TYR B 391 -5.12 12.00 23.78
CA TYR B 391 -4.60 10.69 23.39
C TYR B 391 -3.20 10.78 22.80
N ALA B 392 -3.00 11.70 21.87
CA ALA B 392 -1.71 11.88 21.24
C ALA B 392 -0.63 12.27 22.25
N SER B 393 -0.82 13.39 22.93
CA SER B 393 0.14 13.89 23.92
C SER B 393 0.62 12.84 24.90
N THR B 394 -0.19 11.81 25.15
CA THR B 394 0.19 10.78 26.11
C THR B 394 0.45 9.37 25.54
N HIS B 395 -0.06 9.06 24.35
CA HIS B 395 0.13 7.74 23.77
C HIS B 395 0.97 7.73 22.49
N TRP B 396 1.68 8.83 22.25
CA TRP B 396 2.51 8.93 21.07
C TRP B 396 3.38 7.69 20.86
N HIS B 397 3.88 7.13 21.94
CA HIS B 397 4.73 5.97 21.81
C HIS B 397 4.08 4.79 21.10
N THR B 398 2.75 4.71 21.14
CA THR B 398 2.08 3.60 20.50
C THR B 398 1.63 3.91 19.08
N LEU B 399 2.11 5.01 18.52
CA LEU B 399 1.71 5.38 17.17
C LEU B 399 2.82 5.12 16.14
N GLY B 400 3.67 4.15 16.42
CA GLY B 400 4.73 3.82 15.49
C GLY B 400 6.04 4.45 15.92
N LYS B 401 7.11 3.65 15.93
CA LYS B 401 8.44 4.08 16.32
C LYS B 401 8.75 5.46 15.76
N ASN B 402 8.75 5.61 14.45
CA ASN B 402 9.07 6.91 13.90
C ASN B 402 7.94 7.93 13.95
N VAL B 403 6.80 7.62 13.35
CA VAL B 403 5.69 8.55 13.36
C VAL B 403 5.47 9.05 14.78
N GLY B 404 5.38 8.09 15.70
CA GLY B 404 5.16 8.42 17.09
C GLY B 404 6.22 9.32 17.68
N GLU B 405 7.46 9.20 17.25
CA GLU B 405 8.53 10.03 17.79
C GLU B 405 8.41 11.49 17.35
N SER B 406 7.95 11.71 16.12
CA SER B 406 7.80 13.07 15.62
C SER B 406 6.55 13.69 16.20
N ILE B 407 5.56 12.87 16.50
CA ILE B 407 4.36 13.40 17.11
C ILE B 407 4.71 13.84 18.53
N ARG B 408 5.42 12.99 19.27
CA ARG B 408 5.82 13.34 20.62
C ARG B 408 6.43 14.75 20.67
N GLU B 409 7.44 14.99 19.83
CA GLU B 409 8.13 16.28 19.81
C GLU B 409 7.33 17.44 19.26
N TYR B 410 6.41 17.16 18.36
CA TYR B 410 5.56 18.23 17.85
C TYR B 410 4.41 17.74 17.02
N PHE B 411 3.26 18.35 17.22
CA PHE B 411 2.04 18.02 16.48
C PHE B 411 0.98 19.02 16.88
N GLU B 412 0.02 19.23 15.99
CA GLU B 412 -1.09 20.14 16.26
C GLU B 412 -2.35 19.65 15.55
N ILE B 413 -3.49 19.98 16.12
CA ILE B 413 -4.78 19.58 15.57
C ILE B 413 -5.37 20.74 14.78
N ILE B 414 -5.74 20.50 13.53
CA ILE B 414 -6.30 21.52 12.65
C ILE B 414 -7.81 21.34 12.51
N SER B 415 -8.49 22.30 11.88
CA SER B 415 -9.95 22.22 11.69
C SER B 415 -10.58 23.52 11.14
N GLY B 416 -11.80 23.41 10.63
CA GLY B 416 -12.46 24.58 10.10
C GLY B 416 -11.80 25.02 8.79
N GLU B 417 -11.80 26.32 8.55
CA GLU B 417 -11.20 26.88 7.32
C GLU B 417 -9.72 26.52 7.30
N LYS B 418 -9.03 26.90 8.37
CA LYS B 418 -7.60 26.61 8.50
C LYS B 418 -7.28 25.21 7.99
N LEU B 419 -8.28 24.33 8.01
CA LEU B 419 -8.11 22.98 7.49
C LEU B 419 -8.23 22.77 5.98
N PHE B 420 -9.20 23.41 5.35
CA PHE B 420 -9.40 23.29 3.89
C PHE B 420 -8.36 24.09 3.12
N LYS B 421 -7.32 24.51 3.80
CA LYS B 421 -6.27 25.27 3.18
C LYS B 421 -5.02 24.39 3.14
N GLU B 422 -5.00 23.39 4.01
CA GLU B 422 -3.88 22.46 4.05
C GLU B 422 -3.93 21.64 2.78
N PRO B 423 -2.83 20.96 2.44
CA PRO B 423 -2.69 20.12 1.25
C PRO B 423 -3.39 18.76 1.43
N VAL B 424 -4.66 18.78 1.78
CA VAL B 424 -5.37 17.52 2.00
C VAL B 424 -6.82 17.52 1.55
N THR B 425 -7.23 18.55 0.83
CA THR B 425 -8.61 18.63 0.37
C THR B 425 -8.99 17.40 -0.46
N ALA B 426 -8.02 16.86 -1.19
CA ALA B 426 -8.27 15.71 -2.04
C ALA B 426 -8.66 14.45 -1.26
N GLU B 427 -7.85 14.08 -0.26
CA GLU B 427 -8.13 12.91 0.56
C GLU B 427 -9.48 13.05 1.26
N LEU B 428 -9.71 14.22 1.85
CA LEU B 428 -10.96 14.52 2.53
C LEU B 428 -12.17 14.24 1.65
N CYS B 429 -12.05 14.53 0.36
CA CYS B 429 -13.16 14.28 -0.55
C CYS B 429 -13.37 12.79 -0.74
N GLU B 430 -12.25 12.06 -0.78
CA GLU B 430 -12.26 10.61 -0.94
C GLU B 430 -12.82 10.03 0.34
N MET B 431 -12.33 10.53 1.46
CA MET B 431 -12.79 10.06 2.75
C MET B 431 -14.30 10.27 2.94
N MET B 432 -14.84 11.38 2.41
CA MET B 432 -16.26 11.71 2.53
C MET B 432 -17.15 11.30 1.39
N GLY B 433 -16.60 10.61 0.40
CA GLY B 433 -17.42 10.21 -0.72
C GLY B 433 -17.92 11.38 -1.56
N VAL B 434 -17.35 12.57 -1.36
CA VAL B 434 -17.78 13.73 -2.15
C VAL B 434 -17.80 13.29 -3.62
N LYS B 435 -18.85 13.62 -4.36
CA LYS B 435 -18.85 13.24 -5.78
C LYS B 435 -19.15 14.44 -6.69
N ASP B 436 -19.28 14.16 -7.99
CA ASP B 436 -19.38 15.18 -9.04
C ASP B 436 -18.05 15.37 -9.74
#